data_8A5L
#
_entry.id   8A5L
#
_cell.length_a   79.887
_cell.length_b   79.887
_cell.length_c   53.205
_cell.angle_alpha   90.000
_cell.angle_beta   90.000
_cell.angle_gamma   120.000
#
_symmetry.space_group_name_H-M   'P 65'
#
loop_
_entity.id
_entity.type
_entity.pdbx_description
1 polymer 'E3 ubiquitin-protein ligase TRIM7'
2 polymer '2BC peptide TIEALFQ'
3 non-polymer 'D(-)-TARTARIC ACID'
4 water water
#
loop_
_entity_poly.entity_id
_entity_poly.type
_entity_poly.pdbx_seq_one_letter_code
_entity_poly.pdbx_strand_id
1 'polypeptide(L)'
;MAHHHHHHMVELTLDPDTANPRLILSLDLKGVRLGERAQDLPNHPCRFDTNTRVLASCGFSSGRHHWEVEVGSKDGWAFG
VARESVRRKGLTPFTPEEGVWALQLNGGQYWAVTSPERSPLSCGHLSRVRVALDLEVGAVSFYAVEDMRHLYTFRVNFQE
RVFPLFSVCSTGTYLRIWP
;
A
2 'polypeptide(L)' TIEALFQ B
#
loop_
_chem_comp.id
_chem_comp.type
_chem_comp.name
_chem_comp.formula
TAR non-polymer 'D(-)-TARTARIC ACID' 'C4 H6 O6'
#
# COMPACT_ATOMS: atom_id res chain seq x y z
N HIS A 7 13.27 3.67 17.47
CA HIS A 7 13.32 3.91 15.99
C HIS A 7 12.33 5.03 15.59
N HIS A 8 12.75 6.12 14.95
CA HIS A 8 11.85 7.28 14.69
C HIS A 8 11.00 6.95 13.47
N MET A 9 9.72 6.73 13.66
CA MET A 9 8.81 6.42 12.53
C MET A 9 7.77 7.52 12.43
N VAL A 10 7.30 7.77 11.22
CA VAL A 10 6.22 8.77 10.97
C VAL A 10 4.93 8.19 11.51
N GLU A 11 4.16 9.08 12.12
CA GLU A 11 2.78 8.85 12.63
C GLU A 11 1.83 8.99 11.46
N LEU A 12 1.23 7.90 10.97
CA LEU A 12 0.35 7.95 9.78
C LEU A 12 -1.06 7.55 10.17
N THR A 13 -2.04 8.16 9.51
CA THR A 13 -3.44 7.69 9.55
C THR A 13 -3.95 7.59 8.11
N LEU A 14 -4.79 6.60 7.91
CA LEU A 14 -5.49 6.37 6.64
C LEU A 14 -6.41 7.56 6.42
N ASP A 15 -6.49 8.00 5.17
CA ASP A 15 -7.28 9.20 4.83
C ASP A 15 -8.62 8.74 4.30
N PRO A 16 -9.70 8.91 5.10
CA PRO A 16 -11.02 8.40 4.72
C PRO A 16 -11.55 9.03 3.44
N ASP A 17 -11.14 10.26 3.13
CA ASP A 17 -11.61 10.94 1.90
C ASP A 17 -11.04 10.24 0.66
N THR A 18 -9.96 9.45 0.79
CA THR A 18 -9.35 8.77 -0.37
C THR A 18 -9.92 7.36 -0.50
N ALA A 19 -10.47 6.81 0.57
CA ALA A 19 -10.74 5.37 0.62
C ALA A 19 -11.87 4.97 -0.36
N ASN A 20 -11.64 3.90 -1.10
CA ASN A 20 -12.72 3.20 -1.83
C ASN A 20 -13.86 2.95 -0.83
N PRO A 21 -15.12 3.18 -1.23
CA PRO A 21 -16.25 3.07 -0.31
C PRO A 21 -16.52 1.66 0.21
N ARG A 22 -15.93 0.63 -0.39
CA ARG A 22 -16.08 -0.77 0.07
C ARG A 22 -15.10 -1.05 1.22
N LEU A 23 -14.05 -0.25 1.36
CA LEU A 23 -13.09 -0.47 2.44
C LEU A 23 -13.71 -0.09 3.77
N ILE A 24 -13.31 -0.81 4.81
CA ILE A 24 -13.61 -0.45 6.20
C ILE A 24 -12.32 -0.06 6.88
N LEU A 25 -12.25 1.18 7.35
CA LEU A 25 -11.10 1.71 8.11
C LEU A 25 -11.43 1.55 9.59
N SER A 26 -10.47 1.11 10.38
CA SER A 26 -10.60 1.01 11.85
C SER A 26 -10.85 2.41 12.42
N LEU A 27 -11.38 2.48 13.64
CA LEU A 27 -11.68 3.79 14.26
C LEU A 27 -10.41 4.61 14.51
N ASP A 28 -9.27 3.97 14.76
CA ASP A 28 -7.98 4.66 15.01
C ASP A 28 -7.35 5.08 13.67
N LEU A 29 -7.99 4.74 12.53
CA LEU A 29 -7.51 5.08 11.16
C LEU A 29 -6.12 4.44 10.89
N LYS A 30 -5.79 3.35 11.56
CA LYS A 30 -4.53 2.59 11.30
C LYS A 30 -4.80 1.35 10.45
N GLY A 31 -6.02 0.84 10.46
CA GLY A 31 -6.35 -0.48 9.89
C GLY A 31 -7.32 -0.37 8.71
N VAL A 32 -7.18 -1.29 7.78
CA VAL A 32 -8.06 -1.35 6.59
C VAL A 32 -8.32 -2.80 6.22
N ARG A 33 -9.58 -3.06 5.89
CA ARG A 33 -9.97 -4.37 5.31
C ARG A 33 -11.08 -4.07 4.32
N LEU A 34 -11.50 -5.07 3.57
CA LEU A 34 -12.61 -4.91 2.61
C LEU A 34 -13.94 -5.35 3.25
N GLY A 35 -15.00 -4.56 3.12
CA GLY A 35 -16.39 -5.00 3.41
C GLY A 35 -17.13 -5.42 2.16
N GLU A 36 -18.33 -5.96 2.29
CA GLU A 36 -19.17 -6.27 1.09
C GLU A 36 -20.25 -5.23 0.92
N ARG A 37 -20.31 -4.24 1.80
CA ARG A 37 -21.25 -3.09 1.68
C ARG A 37 -20.44 -1.87 1.26
N ALA A 38 -20.76 -1.27 0.10
CA ALA A 38 -20.29 0.07 -0.28
C ALA A 38 -20.93 1.08 0.69
N GLN A 39 -20.12 1.89 1.33
CA GLN A 39 -20.60 3.00 2.16
C GLN A 39 -21.11 4.05 1.17
N ASP A 40 -22.15 4.77 1.58
CA ASP A 40 -22.67 5.94 0.83
C ASP A 40 -21.76 7.11 1.20
N LEU A 41 -20.72 7.35 0.41
CA LEU A 41 -19.72 8.39 0.70
C LEU A 41 -19.77 9.40 -0.44
N PRO A 42 -19.40 10.66 -0.19
CA PRO A 42 -19.29 11.64 -1.27
C PRO A 42 -18.16 11.23 -2.25
N ASN A 43 -18.38 11.34 -3.57
CA ASN A 43 -17.35 11.00 -4.58
C ASN A 43 -16.48 12.23 -4.87
N HIS A 44 -15.53 12.53 -3.97
CA HIS A 44 -14.40 13.48 -4.15
C HIS A 44 -13.49 13.01 -5.30
N PRO A 45 -12.82 13.94 -6.01
CA PRO A 45 -11.84 13.59 -7.03
C PRO A 45 -10.66 12.76 -6.46
N CYS A 46 -10.34 12.94 -5.17
CA CYS A 46 -9.25 12.21 -4.49
C CYS A 46 -9.70 10.76 -4.17
N ARG A 47 -10.99 10.40 -4.24
CA ARG A 47 -11.45 9.07 -3.77
C ARG A 47 -11.25 8.03 -4.87
N PHE A 48 -10.60 6.92 -4.53
CA PHE A 48 -10.51 5.72 -5.40
C PHE A 48 -11.92 5.11 -5.54
N ASP A 49 -12.53 5.19 -6.72
CA ASP A 49 -13.96 4.84 -6.89
C ASP A 49 -14.13 3.38 -7.31
N THR A 50 -13.05 2.68 -7.73
CA THR A 50 -13.18 1.32 -8.26
C THR A 50 -12.11 0.44 -7.64
N ASN A 51 -10.86 0.85 -7.71
CA ASN A 51 -9.78 0.03 -7.08
C ASN A 51 -9.88 0.18 -5.57
N THR A 52 -9.55 -0.88 -4.84
CA THR A 52 -9.79 -0.99 -3.38
C THR A 52 -8.61 -0.38 -2.62
N ARG A 53 -8.38 0.91 -2.82
CA ARG A 53 -7.19 1.62 -2.34
C ARG A 53 -7.59 2.70 -1.35
N VAL A 54 -6.60 3.01 -0.53
CA VAL A 54 -6.63 4.16 0.40
C VAL A 54 -5.20 4.66 0.55
N LEU A 55 -5.05 5.95 0.72
CA LEU A 55 -3.74 6.56 1.06
C LEU A 55 -3.73 6.99 2.52
N ALA A 56 -2.54 7.14 3.07
CA ALA A 56 -2.37 7.93 4.29
C ALA A 56 -2.71 9.40 4.00
N SER A 57 -3.06 10.15 5.05
CA SER A 57 -3.41 11.60 4.93
C SER A 57 -2.12 12.41 4.76
N CYS A 58 -0.98 11.85 5.12
CA CYS A 58 0.37 12.48 5.00
C CYS A 58 1.09 12.00 3.74
N GLY A 59 1.58 12.92 2.90
CA GLY A 59 2.54 12.61 1.82
C GLY A 59 3.90 13.27 2.04
N PHE A 60 4.85 12.96 1.21
CA PHE A 60 6.26 13.42 1.38
C PHE A 60 6.84 13.88 0.06
N SER A 61 7.53 15.03 0.10
CA SER A 61 8.18 15.64 -1.08
C SER A 61 9.69 15.53 -0.96
N SER A 62 10.20 15.27 0.24
CA SER A 62 11.65 15.20 0.47
C SER A 62 11.90 14.34 1.70
N GLY A 63 13.16 13.98 1.91
CA GLY A 63 13.63 13.37 3.16
C GLY A 63 13.46 11.86 3.16
N ARG A 64 13.70 11.29 4.33
CA ARG A 64 13.63 9.83 4.54
C ARG A 64 12.63 9.57 5.66
N HIS A 65 11.76 8.56 5.45
CA HIS A 65 10.59 8.31 6.30
C HIS A 65 10.46 6.80 6.44
N HIS A 66 10.17 6.37 7.66
CA HIS A 66 9.94 4.94 7.96
C HIS A 66 8.57 4.76 8.55
N TRP A 67 7.95 3.62 8.22
CA TRP A 67 6.76 3.18 8.97
C TRP A 67 6.72 1.67 8.83
N GLU A 68 5.81 1.09 9.59
CA GLU A 68 5.65 -0.36 9.52
C GLU A 68 4.21 -0.69 9.18
N VAL A 69 4.08 -1.84 8.57
CA VAL A 69 2.76 -2.38 8.16
C VAL A 69 2.64 -3.81 8.66
N GLU A 70 1.68 -4.03 9.55
CA GLU A 70 1.26 -5.38 9.97
C GLU A 70 0.35 -5.95 8.87
N VAL A 71 0.62 -7.18 8.45
CA VAL A 71 -0.01 -7.78 7.25
C VAL A 71 -0.78 -9.05 7.62
N GLY A 72 -1.98 -9.21 7.03
CA GLY A 72 -2.73 -10.46 7.18
C GLY A 72 -1.99 -11.63 6.62
N SER A 73 -2.24 -12.82 7.13
CA SER A 73 -1.61 -14.06 6.62
C SER A 73 -2.22 -14.51 5.30
N LYS A 74 -3.40 -14.06 4.93
CA LYS A 74 -4.09 -14.55 3.70
C LYS A 74 -4.13 -13.50 2.60
N ASP A 75 -4.31 -14.00 1.38
CA ASP A 75 -4.30 -13.22 0.12
C ASP A 75 -5.25 -12.03 0.20
N GLY A 76 -4.90 -10.97 -0.54
CA GLY A 76 -5.82 -9.87 -0.85
C GLY A 76 -5.22 -8.51 -0.65
N TRP A 77 -4.04 -8.44 -0.04
CA TRP A 77 -3.47 -7.11 0.28
C TRP A 77 -2.35 -6.76 -0.68
N ALA A 78 -2.12 -5.47 -0.80
CA ALA A 78 -0.92 -4.89 -1.40
C ALA A 78 -0.69 -3.56 -0.71
N PHE A 79 0.56 -3.20 -0.51
CA PHE A 79 0.89 -1.93 0.16
C PHE A 79 2.27 -1.47 -0.32
N GLY A 80 2.46 -0.19 -0.13
CA GLY A 80 3.74 0.45 -0.39
C GLY A 80 3.55 1.93 -0.48
N VAL A 81 3.87 2.49 -1.63
CA VAL A 81 3.72 3.95 -1.84
C VAL A 81 3.14 4.18 -3.22
N ALA A 82 2.53 5.33 -3.39
CA ALA A 82 1.99 5.78 -4.68
C ALA A 82 2.40 7.22 -4.89
N ARG A 83 2.64 7.57 -6.15
CA ARG A 83 2.80 9.00 -6.49
C ARG A 83 1.42 9.63 -6.31
N GLU A 84 1.40 10.90 -5.92
CA GLU A 84 0.16 11.62 -5.64
C GLU A 84 -0.78 11.57 -6.86
N SER A 85 -0.22 11.57 -8.07
CA SER A 85 -0.97 11.60 -9.35
C SER A 85 -1.54 10.23 -9.70
N VAL A 86 -1.37 9.21 -8.84
CA VAL A 86 -2.00 7.89 -9.08
C VAL A 86 -3.48 8.09 -9.45
N ARG A 87 -3.93 7.44 -10.49
CA ARG A 87 -5.31 7.64 -10.97
C ARG A 87 -6.27 7.05 -9.95
N ARG A 88 -7.32 7.82 -9.66
CA ARG A 88 -8.36 7.49 -8.67
C ARG A 88 -9.62 6.95 -9.34
N LYS A 89 -9.87 7.24 -10.63
CA LYS A 89 -11.22 7.03 -11.20
C LYS A 89 -11.24 5.92 -12.25
N GLY A 90 -12.22 5.07 -12.10
CA GLY A 90 -12.44 3.87 -12.90
C GLY A 90 -11.47 2.78 -12.51
N LEU A 91 -11.54 1.66 -13.20
CA LEU A 91 -10.66 0.52 -12.94
C LEU A 91 -9.30 0.88 -13.53
N THR A 92 -8.25 0.90 -12.71
CA THR A 92 -6.89 1.18 -13.20
C THR A 92 -5.99 -0.03 -12.93
N PRO A 93 -4.91 -0.19 -13.72
CA PRO A 93 -3.89 -1.17 -13.42
C PRO A 93 -3.17 -0.88 -12.09
N PHE A 94 -2.73 -1.94 -11.43
CA PHE A 94 -1.91 -1.86 -10.19
C PHE A 94 -0.50 -2.16 -10.64
N THR A 95 0.19 -1.16 -11.17
CA THR A 95 1.53 -1.33 -11.81
CA THR A 95 1.51 -1.33 -11.83
C THR A 95 2.40 -0.14 -11.50
N PRO A 96 3.72 -0.32 -11.55
CA PRO A 96 4.66 0.80 -11.42
C PRO A 96 4.37 1.93 -12.43
N GLU A 97 3.92 1.58 -13.63
CA GLU A 97 3.63 2.63 -14.66
C GLU A 97 2.55 3.58 -14.14
N GLU A 98 1.58 3.04 -13.39
CA GLU A 98 0.47 3.81 -12.79
C GLU A 98 0.92 4.51 -11.50
N GLY A 99 2.18 4.38 -11.11
CA GLY A 99 2.76 5.10 -9.98
C GLY A 99 2.46 4.43 -8.65
N VAL A 100 2.39 3.10 -8.65
CA VAL A 100 2.28 2.33 -7.38
C VAL A 100 3.48 1.41 -7.29
N TRP A 101 4.09 1.40 -6.11
CA TRP A 101 5.32 0.64 -5.81
C TRP A 101 5.04 -0.15 -4.54
N ALA A 102 4.73 -1.44 -4.72
CA ALA A 102 4.05 -2.20 -3.67
C ALA A 102 4.57 -3.64 -3.60
N LEU A 103 4.37 -4.23 -2.41
CA LEU A 103 4.36 -5.69 -2.22
C LEU A 103 2.91 -6.18 -2.19
N GLN A 104 2.72 -7.46 -2.42
CA GLN A 104 1.36 -8.02 -2.50
C GLN A 104 1.41 -9.49 -2.06
N LEU A 105 0.33 -9.94 -1.43
CA LEU A 105 0.13 -11.38 -1.14
C LEU A 105 -1.07 -11.83 -2.00
N ASN A 106 -0.82 -12.72 -2.95
CA ASN A 106 -1.84 -13.17 -3.92
C ASN A 106 -1.45 -14.57 -4.38
N GLY A 107 -2.40 -15.49 -4.45
CA GLY A 107 -2.08 -16.88 -4.85
C GLY A 107 -1.21 -17.58 -3.84
N GLY A 108 -1.23 -17.16 -2.58
CA GLY A 108 -0.38 -17.66 -1.48
C GLY A 108 1.10 -17.43 -1.72
N GLN A 109 1.45 -16.46 -2.57
CA GLN A 109 2.85 -16.06 -2.84
C GLN A 109 2.98 -14.56 -2.53
N TYR A 110 4.12 -14.18 -1.96
CA TYR A 110 4.48 -12.76 -1.82
C TYR A 110 5.14 -12.31 -3.10
N TRP A 111 4.78 -11.09 -3.51
CA TRP A 111 5.27 -10.51 -4.78
C TRP A 111 5.75 -9.09 -4.51
N ALA A 112 6.80 -8.71 -5.21
CA ALA A 112 7.04 -7.28 -5.51
C ALA A 112 6.30 -7.06 -6.83
N VAL A 113 5.52 -6.01 -6.88
CA VAL A 113 4.58 -5.80 -8.02
C VAL A 113 5.36 -5.01 -9.09
N THR A 114 6.27 -5.72 -9.72
CA THR A 114 6.93 -5.30 -10.96
C THR A 114 5.98 -5.56 -12.12
N SER A 115 6.31 -5.03 -13.28
CA SER A 115 5.53 -5.20 -14.52
C SER A 115 6.54 -5.45 -15.64
N PRO A 116 6.17 -6.14 -16.74
CA PRO A 116 4.83 -6.71 -16.90
C PRO A 116 4.51 -7.93 -16.03
N GLU A 117 5.55 -8.58 -15.51
CA GLU A 117 5.39 -9.75 -14.60
C GLU A 117 5.80 -9.31 -13.21
N ARG A 118 5.02 -9.77 -12.23
CA ARG A 118 5.35 -9.60 -10.81
C ARG A 118 6.59 -10.44 -10.47
N SER A 119 7.32 -10.06 -9.45
CA SER A 119 8.58 -10.71 -9.01
C SER A 119 8.29 -11.53 -7.78
N PRO A 120 8.29 -12.87 -7.84
CA PRO A 120 7.90 -13.66 -6.67
C PRO A 120 9.02 -13.57 -5.62
N LEU A 121 8.64 -13.38 -4.37
CA LEU A 121 9.63 -13.27 -3.26
C LEU A 121 9.63 -14.58 -2.47
N SER A 122 10.82 -15.09 -2.19
CA SER A 122 11.03 -16.33 -1.41
C SER A 122 11.44 -15.93 0.00
N CYS A 123 10.64 -15.10 0.66
CA CYS A 123 11.00 -14.40 1.91
C CYS A 123 10.51 -15.14 3.16
N GLY A 124 9.72 -16.19 3.00
CA GLY A 124 9.08 -16.83 4.16
C GLY A 124 7.91 -16.03 4.63
N HIS A 125 7.25 -16.50 5.67
CA HIS A 125 6.01 -15.87 6.14
C HIS A 125 6.31 -14.43 6.62
N LEU A 126 5.45 -13.48 6.29
CA LEU A 126 5.50 -12.08 6.78
C LEU A 126 4.40 -11.79 7.80
N SER A 127 4.82 -11.08 8.86
CA SER A 127 3.92 -10.60 9.92
CA SER A 127 3.96 -10.61 9.96
C SER A 127 3.86 -9.08 9.89
N ARG A 128 5.02 -8.47 9.78
CA ARG A 128 5.12 -7.00 9.83
C ARG A 128 6.31 -6.60 8.96
N VAL A 129 6.11 -5.51 8.22
CA VAL A 129 7.12 -5.04 7.23
C VAL A 129 7.49 -3.58 7.52
N ARG A 130 8.77 -3.28 7.49
CA ARG A 130 9.22 -1.88 7.63
C ARG A 130 9.40 -1.34 6.22
N VAL A 131 8.84 -0.18 5.99
CA VAL A 131 8.92 0.57 4.74
C VAL A 131 9.90 1.70 4.96
N ALA A 132 10.93 1.77 4.13
CA ALA A 132 11.91 2.87 4.15
C ALA A 132 11.80 3.67 2.85
N LEU A 133 11.18 4.84 2.94
CA LEU A 133 10.98 5.72 1.77
C LEU A 133 12.10 6.77 1.77
N ASP A 134 12.86 6.84 0.68
CA ASP A 134 14.01 7.76 0.57
C ASP A 134 13.80 8.67 -0.64
N LEU A 135 13.30 9.88 -0.38
CA LEU A 135 13.01 10.82 -1.49
C LEU A 135 14.28 11.60 -1.80
N GLU A 136 15.33 11.49 -0.99
CA GLU A 136 16.62 12.16 -1.28
C GLU A 136 17.32 11.40 -2.40
N VAL A 137 17.41 10.07 -2.35
CA VAL A 137 18.09 9.25 -3.37
C VAL A 137 17.07 8.68 -4.39
N GLY A 138 15.79 8.55 -4.03
CA GLY A 138 14.78 7.96 -4.94
C GLY A 138 14.67 6.45 -4.81
N ALA A 139 14.19 6.00 -3.66
CA ALA A 139 14.06 4.54 -3.46
C ALA A 139 12.98 4.28 -2.42
N VAL A 140 12.33 3.15 -2.54
CA VAL A 140 11.43 2.66 -1.48
C VAL A 140 11.79 1.21 -1.24
N SER A 141 12.06 0.89 0.02
CA SER A 141 12.58 -0.45 0.38
C SER A 141 11.67 -1.06 1.42
N PHE A 142 11.63 -2.38 1.42
CA PHE A 142 10.78 -3.16 2.34
C PHE A 142 11.63 -4.22 3.04
N TYR A 143 11.44 -4.36 4.34
CA TYR A 143 12.23 -5.28 5.20
C TYR A 143 11.28 -6.03 6.12
N ALA A 144 11.53 -7.32 6.29
CA ALA A 144 10.73 -8.09 7.26
C ALA A 144 11.28 -7.81 8.66
N VAL A 145 10.43 -7.42 9.61
CA VAL A 145 10.94 -6.81 10.88
C VAL A 145 11.69 -7.82 11.76
N GLU A 146 11.42 -9.13 11.67
CA GLU A 146 12.08 -10.12 12.57
C GLU A 146 13.61 -10.01 12.50
N ASP A 147 14.18 -9.91 11.32
CA ASP A 147 15.65 -9.84 11.09
C ASP A 147 16.00 -8.68 10.17
N MET A 148 15.02 -7.84 9.82
CA MET A 148 15.20 -6.82 8.74
C MET A 148 15.80 -7.44 7.49
N ARG A 149 15.42 -8.65 7.12
CA ARG A 149 15.84 -9.18 5.83
C ARG A 149 15.19 -8.27 4.75
N HIS A 150 15.92 -8.05 3.68
CA HIS A 150 15.48 -7.20 2.56
C HIS A 150 14.48 -8.00 1.74
N LEU A 151 13.34 -7.40 1.48
CA LEU A 151 12.26 -7.99 0.63
C LEU A 151 12.38 -7.47 -0.79
N TYR A 152 12.44 -6.16 -0.94
CA TYR A 152 12.56 -5.55 -2.27
C TYR A 152 12.88 -4.09 -2.13
N THR A 153 13.56 -3.54 -3.14
CA THR A 153 13.72 -2.08 -3.27
C THR A 153 13.31 -1.69 -4.68
N PHE A 154 12.39 -0.73 -4.78
CA PHE A 154 12.13 -0.03 -6.06
C PHE A 154 13.00 1.23 -6.06
N ARG A 155 13.90 1.36 -7.02
CA ARG A 155 14.65 2.62 -7.22
C ARG A 155 13.88 3.45 -8.25
N VAL A 156 13.39 4.59 -7.84
CA VAL A 156 12.49 5.47 -8.63
C VAL A 156 12.97 6.92 -8.49
N ASN A 157 13.13 7.59 -9.61
CA ASN A 157 13.34 9.06 -9.63
C ASN A 157 11.97 9.70 -9.43
N PHE A 158 11.50 9.75 -8.20
CA PHE A 158 10.16 10.30 -7.88
C PHE A 158 10.15 11.77 -8.29
N GLN A 159 9.12 12.21 -8.98
CA GLN A 159 9.07 13.57 -9.58
C GLN A 159 7.91 14.32 -8.99
N GLU A 160 7.35 13.81 -7.89
CA GLU A 160 6.20 14.41 -7.19
C GLU A 160 6.09 13.86 -5.77
N ARG A 161 5.11 14.34 -5.02
CA ARG A 161 4.85 13.93 -3.62
C ARG A 161 4.44 12.46 -3.65
N VAL A 162 4.89 11.72 -2.64
CA VAL A 162 4.71 10.24 -2.57
C VAL A 162 3.93 9.96 -1.28
N PHE A 163 2.90 9.12 -1.40
CA PHE A 163 1.97 8.81 -0.30
C PHE A 163 2.05 7.33 0.04
N PRO A 164 2.02 6.99 1.33
CA PRO A 164 1.80 5.60 1.73
C PRO A 164 0.49 5.10 1.13
N LEU A 165 0.53 3.89 0.58
CA LEU A 165 -0.55 3.26 -0.19
C LEU A 165 -0.94 1.92 0.45
N PHE A 166 -2.23 1.63 0.50
CA PHE A 166 -2.78 0.36 1.04
C PHE A 166 -3.91 -0.07 0.13
N SER A 167 -3.99 -1.34 -0.15
CA SER A 167 -5.10 -1.91 -0.95
C SER A 167 -5.49 -3.26 -0.40
N VAL A 168 -6.79 -3.52 -0.30
CA VAL A 168 -7.33 -4.83 0.17
C VAL A 168 -8.50 -5.20 -0.74
N CYS A 169 -8.32 -6.22 -1.58
CA CYS A 169 -9.25 -6.51 -2.68
C CYS A 169 -10.02 -7.80 -2.42
N SER A 170 -9.85 -8.41 -1.26
CA SER A 170 -10.68 -9.55 -0.84
C SER A 170 -10.94 -9.50 0.66
N THR A 171 -11.99 -10.16 1.13
CA THR A 171 -12.27 -10.30 2.57
C THR A 171 -11.31 -11.34 3.14
N GLY A 172 -11.14 -11.36 4.44
CA GLY A 172 -10.30 -12.37 5.09
C GLY A 172 -8.86 -11.94 5.21
N THR A 173 -8.55 -10.67 4.96
CA THR A 173 -7.19 -10.15 5.26
C THR A 173 -7.27 -8.67 5.57
N TYR A 174 -6.15 -8.09 5.96
CA TYR A 174 -6.12 -6.69 6.46
C TYR A 174 -4.69 -6.19 6.37
N LEU A 175 -4.58 -4.88 6.53
CA LEU A 175 -3.31 -4.17 6.73
C LEU A 175 -3.52 -3.27 7.93
N ARG A 176 -2.45 -3.05 8.69
CA ARG A 176 -2.48 -2.11 9.81
C ARG A 176 -1.13 -1.37 9.91
N ILE A 177 -1.22 -0.07 10.04
CA ILE A 177 -0.09 0.85 10.22
C ILE A 177 0.40 0.73 11.65
N TRP A 178 1.72 0.68 11.80
CA TRP A 178 2.45 0.98 13.07
C TRP A 178 3.54 2.02 12.79
N PRO A 179 3.85 2.92 13.74
CA PRO A 179 3.18 3.00 15.04
C PRO A 179 1.79 3.63 14.98
N GLU B 3 -8.86 -12.00 -9.76
CA GLU B 3 -8.87 -12.15 -8.26
C GLU B 3 -8.37 -10.83 -7.64
N ALA B 4 -7.19 -10.38 -8.04
CA ALA B 4 -6.61 -9.09 -7.66
C ALA B 4 -6.95 -8.00 -8.70
N LEU B 5 -7.96 -8.19 -9.55
CA LEU B 5 -8.31 -7.21 -10.61
C LEU B 5 -8.51 -5.82 -10.01
N PHE B 6 -9.11 -5.74 -8.82
CA PHE B 6 -9.47 -4.43 -8.23
C PHE B 6 -8.37 -3.93 -7.27
N GLN B 7 -7.21 -4.56 -7.25
CA GLN B 7 -6.13 -4.13 -6.31
C GLN B 7 -5.78 -2.66 -6.61
O1 TAR C . -7.74 10.36 -10.65
O11 TAR C . -8.32 9.09 -12.44
C1 TAR C . -7.94 10.18 -11.84
C2 TAR C . -7.58 11.40 -12.69
O2 TAR C . -6.36 11.24 -13.40
C3 TAR C . -8.69 11.65 -13.68
O3 TAR C . -8.96 10.47 -14.41
C4 TAR C . -8.18 12.81 -14.53
O4 TAR C . -7.20 12.58 -15.24
O41 TAR C . -8.69 13.92 -14.33
H2 TAR C . -7.50 12.18 -12.10
HO2 TAR C . -6.52 11.28 -14.25
H3 TAR C . -9.50 11.94 -13.20
HO3 TAR C . -8.80 10.58 -15.25
#